data_1NL0
#
_entry.id   1NL0
#
_cell.length_a   105.089
_cell.length_b   71.614
_cell.length_c   90.867
_cell.angle_alpha   90.00
_cell.angle_beta   119.14
_cell.angle_gamma   90.00
#
_symmetry.space_group_name_H-M   'C 1 2 1'
#
loop_
_entity.id
_entity.type
_entity.pdbx_description
1 polymer 'anti-factor IX antibody, 10C12, chain L'
2 polymer 'anti-factor IX antibody, 10C12, chain H'
3 polymer 'factor IX'
4 non-polymer 'SULFATE ION'
5 non-polymer 'CALCIUM ION'
6 water water
#
loop_
_entity_poly.entity_id
_entity_poly.type
_entity_poly.pdbx_seq_one_letter_code
_entity_poly.pdbx_strand_id
1 'polypeptide(L)'
;QSVLTQPPSVSAAPGQKVTISCSGSTSNIGNNYVSWYQQHPGKAPKLMIYDVSKRPSGVPDRFSGSKSGNSASLDISGLQ
SEDEADYYCAAWDDSLSEFLFGTGTKLTVLGQPKAAPSVTLFPPSSEELQANKATLVCLISDFYPGAVTVAWKADSSPVK
AGVETTTPSKQSNNKYAASSYLSLTPEQWKSHKSYSCQVTHEGSTVEKTVAPT
;
L
2 'polypeptide(L)'
;GVQLVESGGGVVQPGRSLRLSCAASGFTFSTYAMHWVRQAPGKGLEWVAIISYDGSKKYYADSVKGRFTISRDNSKNTLY
LQMNSLRAEDTAVYYCARASIAAARVLDYWGRGTMVTVSSASTKGPSVFPLAPSSKSTSGGTAALGCLVKDYFPEPVTVS
WNSGALTSGVHTFPAVLQSSGLYSLSSVVTVPSSSLGTQTYICNVNHKPSNTKVDKKVEPKSCD
;
H
3 'polypeptide(L)'
;YNSGKL(CGU)(CGU)FVQGNL(CGU)R(CGU)CM(CGU)(CGU)KCSF(CGU)(CGU)AR(CGU)VF(CGU)NT(CGU)
RTT(CGU)FWKQY(CGU)(CGU)(CGU)(CGU)(CGU)(CGU)
;
G
#
loop_
_chem_comp.id
_chem_comp.type
_chem_comp.name
_chem_comp.formula
CA non-polymer 'CALCIUM ION' 'Ca 2'
SO4 non-polymer 'SULFATE ION' 'O4 S -2'
#
# COMPACT_ATOMS: atom_id res chain seq x y z
N GLN A 1 11.64 -2.35 -10.30
CA GLN A 1 10.62 -3.22 -10.95
C GLN A 1 9.61 -3.76 -9.92
N SER A 2 10.10 -4.54 -8.96
CA SER A 2 9.28 -5.11 -7.88
C SER A 2 8.49 -6.38 -8.22
N VAL A 3 8.56 -6.81 -9.48
CA VAL A 3 7.87 -8.00 -9.97
C VAL A 3 7.17 -8.91 -8.94
N LEU A 4 7.95 -9.70 -8.20
CA LEU A 4 7.44 -10.65 -7.19
C LEU A 4 5.92 -10.75 -7.09
N THR A 5 5.35 -11.65 -7.90
CA THR A 5 3.91 -11.84 -7.97
C THR A 5 3.31 -12.67 -6.84
N GLN A 6 2.14 -12.22 -6.36
CA GLN A 6 1.42 -12.90 -5.28
C GLN A 6 -0.06 -12.90 -5.60
N PRO A 7 -0.80 -13.91 -5.11
CA PRO A 7 -2.24 -13.92 -5.39
C PRO A 7 -2.82 -12.78 -4.53
N PRO A 8 -3.69 -11.94 -5.12
CA PRO A 8 -4.26 -10.84 -4.33
C PRO A 8 -5.07 -11.25 -3.11
N SER A 9 -5.60 -12.47 -3.13
CA SER A 9 -6.43 -12.95 -2.02
C SER A 9 -6.41 -14.45 -1.82
N VAL A 10 -6.46 -14.86 -0.55
CA VAL A 10 -6.52 -16.26 -0.16
C VAL A 10 -7.35 -16.26 1.11
N SER A 11 -8.11 -17.34 1.32
CA SER A 11 -8.94 -17.42 2.52
C SER A 11 -9.29 -18.86 2.86
N ALA A 12 -9.65 -19.08 4.13
CA ALA A 12 -10.04 -20.38 4.64
C ALA A 12 -10.69 -20.16 6.02
N ALA A 13 -11.43 -21.15 6.48
CA ALA A 13 -12.12 -21.05 7.75
C ALA A 13 -11.17 -21.12 8.92
N PRO A 14 -11.63 -20.66 10.09
CA PRO A 14 -10.78 -20.70 11.28
C PRO A 14 -10.39 -22.16 11.52
N GLY A 15 -9.10 -22.43 11.67
CA GLY A 15 -8.67 -23.80 11.90
C GLY A 15 -8.14 -24.51 10.65
N GLN A 16 -8.46 -23.99 9.47
CA GLN A 16 -8.00 -24.60 8.23
C GLN A 16 -6.58 -24.13 7.89
N LYS A 17 -6.10 -24.55 6.72
CA LYS A 17 -4.76 -24.20 6.27
C LYS A 17 -4.82 -23.38 4.99
N VAL A 18 -3.82 -22.54 4.78
CA VAL A 18 -3.77 -21.76 3.58
C VAL A 18 -2.31 -21.68 3.14
N THR A 19 -2.09 -21.32 1.88
CA THR A 19 -0.74 -21.19 1.37
C THR A 19 -0.71 -20.00 0.42
N ILE A 20 0.29 -19.14 0.60
CA ILE A 20 0.46 -17.95 -0.22
C ILE A 20 1.73 -18.05 -1.05
N SER A 21 1.57 -18.06 -2.37
CA SER A 21 2.71 -18.16 -3.26
C SER A 21 3.37 -16.82 -3.60
N CYS A 22 4.69 -16.88 -3.81
CA CYS A 22 5.49 -15.72 -4.16
C CYS A 22 6.29 -16.14 -5.39
N SER A 23 5.86 -15.66 -6.55
CA SER A 23 6.51 -15.99 -7.82
C SER A 23 7.46 -14.91 -8.29
N GLY A 24 8.73 -15.25 -8.40
CA GLY A 24 9.72 -14.28 -8.85
C GLY A 24 10.58 -14.84 -9.97
N SER A 25 11.86 -14.48 -9.95
CA SER A 25 12.80 -14.93 -10.96
C SER A 25 14.17 -15.28 -10.36
N THR A 26 15.10 -15.64 -11.24
CA THR A 26 16.46 -16.03 -10.82
C THR A 26 17.22 -14.89 -10.14
N SER A 27 17.03 -13.67 -10.63
CA SER A 27 17.70 -12.50 -10.07
C SER A 27 17.36 -12.30 -8.59
N ASN A 28 16.16 -12.72 -8.19
CA ASN A 28 15.76 -12.58 -6.80
C ASN A 28 15.57 -13.91 -6.08
N ILE A 29 14.34 -14.40 -6.02
CA ILE A 29 14.05 -15.66 -5.35
C ILE A 29 15.07 -16.74 -5.67
N GLY A 30 15.26 -17.00 -6.96
CA GLY A 30 16.19 -18.02 -7.38
C GLY A 30 17.53 -18.04 -6.64
N ASN A 31 18.10 -16.88 -6.38
CA ASN A 31 19.40 -16.82 -5.73
C ASN A 31 19.45 -16.10 -4.38
N ASN A 32 18.30 -15.76 -3.81
CA ASN A 32 18.28 -15.04 -2.54
C ASN A 32 17.20 -15.57 -1.60
N TYR A 33 17.45 -15.46 -0.31
CA TYR A 33 16.48 -15.91 0.68
C TYR A 33 15.25 -14.99 0.65
N VAL A 34 14.09 -15.57 0.95
CA VAL A 34 12.83 -14.83 0.98
C VAL A 34 12.36 -14.65 2.42
N SER A 35 11.88 -13.45 2.74
CA SER A 35 11.34 -13.18 4.06
C SER A 35 9.88 -12.83 3.86
N TRP A 36 9.07 -13.02 4.91
CA TRP A 36 7.63 -12.75 4.82
C TRP A 36 7.20 -11.81 5.92
N TYR A 37 6.39 -10.81 5.55
CA TYR A 37 5.91 -9.81 6.49
C TYR A 37 4.39 -9.74 6.58
N GLN A 38 3.90 -9.60 7.81
CA GLN A 38 2.48 -9.52 8.09
C GLN A 38 2.12 -8.05 8.37
N GLN A 39 1.04 -7.57 7.75
CA GLN A 39 0.65 -6.19 7.99
C GLN A 39 -0.84 -6.04 8.29
N HIS A 40 -1.14 -5.59 9.50
CA HIS A 40 -2.52 -5.35 9.88
C HIS A 40 -2.83 -3.92 9.43
N PRO A 41 -4.09 -3.65 9.05
CA PRO A 41 -4.63 -2.37 8.57
C PRO A 41 -3.89 -1.07 8.92
N GLY A 42 -3.68 -0.79 10.21
CA GLY A 42 -3.00 0.44 10.56
C GLY A 42 -1.80 0.26 11.47
N LYS A 43 -1.16 -0.89 11.39
CA LYS A 43 -0.01 -1.18 12.23
C LYS A 43 1.29 -1.28 11.42
N ALA A 44 2.38 -1.45 12.13
CA ALA A 44 3.69 -1.59 11.51
C ALA A 44 3.84 -3.02 11.00
N PRO A 45 4.47 -3.19 9.82
CA PRO A 45 4.63 -4.56 9.32
C PRO A 45 5.42 -5.40 10.34
N LYS A 46 5.19 -6.70 10.34
CA LYS A 46 5.87 -7.60 11.26
C LYS A 46 6.54 -8.75 10.52
N LEU A 47 7.74 -9.11 10.97
CA LEU A 47 8.48 -10.22 10.37
C LEU A 47 7.90 -11.55 10.87
N MET A 48 7.44 -12.38 9.93
CA MET A 48 6.85 -13.68 10.26
C MET A 48 7.81 -14.82 9.96
N ILE A 49 8.42 -14.78 8.78
CA ILE A 49 9.39 -15.78 8.33
C ILE A 49 10.57 -15.13 7.62
N TYR A 50 11.77 -15.63 7.88
CA TYR A 50 12.96 -15.11 7.22
C TYR A 50 13.82 -16.28 6.74
N ASP A 51 14.62 -16.03 5.71
CA ASP A 51 15.48 -17.07 5.12
C ASP A 51 14.64 -18.30 4.78
N VAL A 52 13.54 -18.04 4.08
CA VAL A 52 12.63 -19.06 3.61
C VAL A 52 11.77 -19.81 4.62
N SER A 53 12.36 -20.27 5.71
CA SER A 53 11.59 -21.04 6.68
C SER A 53 11.95 -20.82 8.14
N LYS A 54 12.74 -19.78 8.41
CA LYS A 54 13.13 -19.52 9.79
C LYS A 54 12.10 -18.63 10.47
N ARG A 55 11.74 -19.02 11.69
CA ARG A 55 10.76 -18.29 12.47
C ARG A 55 11.39 -17.47 13.58
N PRO A 56 11.05 -16.17 13.66
CA PRO A 56 11.63 -15.34 14.72
C PRO A 56 11.01 -15.87 16.02
N SER A 57 11.59 -15.51 17.16
CA SER A 57 11.01 -15.97 18.42
C SER A 57 9.69 -15.23 18.54
N GLY A 58 8.65 -15.92 19.03
CA GLY A 58 7.36 -15.26 19.17
C GLY A 58 6.37 -15.67 18.10
N VAL A 59 6.83 -15.84 16.87
CA VAL A 59 5.96 -16.24 15.78
C VAL A 59 5.49 -17.68 15.97
N PRO A 60 4.16 -17.90 15.97
CA PRO A 60 3.58 -19.23 16.15
C PRO A 60 4.06 -20.28 15.16
N ASP A 61 4.31 -21.47 15.70
CA ASP A 61 4.77 -22.63 14.96
C ASP A 61 3.87 -22.97 13.76
N ARG A 62 2.66 -22.45 13.75
CA ARG A 62 1.75 -22.73 12.65
C ARG A 62 2.13 -21.99 11.36
N PHE A 63 3.15 -21.13 11.44
CA PHE A 63 3.64 -20.40 10.28
C PHE A 63 4.91 -21.08 9.81
N SER A 64 4.97 -21.47 8.53
CA SER A 64 6.15 -22.12 7.98
C SER A 64 6.38 -21.64 6.55
N GLY A 65 7.60 -21.80 6.06
CA GLY A 65 7.91 -21.37 4.71
C GLY A 65 8.61 -22.42 3.88
N SER A 66 8.58 -22.22 2.56
CA SER A 66 9.22 -23.13 1.62
C SER A 66 9.66 -22.39 0.36
N LYS A 67 10.55 -23.01 -0.39
CA LYS A 67 11.08 -22.45 -1.64
C LYS A 67 11.34 -23.55 -2.66
N SER A 68 11.08 -23.23 -3.93
CA SER A 68 11.28 -24.15 -5.04
C SER A 68 11.48 -23.35 -6.32
N GLY A 69 12.67 -23.41 -6.88
CA GLY A 69 12.95 -22.67 -8.10
C GLY A 69 12.94 -21.17 -7.86
N ASN A 70 12.15 -20.45 -8.65
CA ASN A 70 12.05 -19.00 -8.50
C ASN A 70 10.74 -18.61 -7.81
N SER A 71 10.24 -19.51 -6.96
CA SER A 71 9.02 -19.28 -6.21
C SER A 71 9.20 -19.65 -4.75
N ALA A 72 8.47 -18.95 -3.88
CA ALA A 72 8.51 -19.21 -2.44
C ALA A 72 7.08 -19.32 -1.95
N SER A 73 6.86 -20.03 -0.85
CA SER A 73 5.52 -20.19 -0.29
C SER A 73 5.44 -20.02 1.22
N LEU A 74 4.38 -19.32 1.66
CA LEU A 74 4.12 -19.11 3.07
C LEU A 74 2.92 -19.98 3.37
N ASP A 75 3.09 -20.91 4.29
CA ASP A 75 2.03 -21.83 4.67
C ASP A 75 1.55 -21.54 6.09
N ILE A 76 0.25 -21.40 6.25
CA ILE A 76 -0.32 -21.13 7.56
C ILE A 76 -1.40 -22.14 7.90
N SER A 77 -1.16 -22.94 8.94
CA SER A 77 -2.16 -23.91 9.35
C SER A 77 -2.91 -23.40 10.59
N GLY A 78 -4.01 -24.07 10.92
CA GLY A 78 -4.80 -23.69 12.07
C GLY A 78 -5.07 -22.20 12.14
N LEU A 79 -5.65 -21.65 11.09
CA LEU A 79 -5.94 -20.23 11.01
C LEU A 79 -6.72 -19.65 12.20
N GLN A 80 -6.24 -18.51 12.71
CA GLN A 80 -6.88 -17.82 13.81
C GLN A 80 -7.24 -16.43 13.29
N SER A 81 -8.31 -15.85 13.83
CA SER A 81 -8.78 -14.55 13.39
C SER A 81 -7.69 -13.49 13.27
N GLU A 82 -6.74 -13.46 14.20
CA GLU A 82 -5.69 -12.45 14.14
C GLU A 82 -4.73 -12.64 12.97
N ASP A 83 -4.84 -13.76 12.26
CA ASP A 83 -3.99 -14.00 11.10
C ASP A 83 -4.48 -13.18 9.92
N GLU A 84 -5.75 -12.78 9.94
CA GLU A 84 -6.30 -11.97 8.86
C GLU A 84 -5.49 -10.69 8.78
N ALA A 85 -4.84 -10.48 7.63
CA ALA A 85 -4.00 -9.32 7.40
C ALA A 85 -3.47 -9.40 5.99
N ASP A 86 -2.60 -8.46 5.63
CA ASP A 86 -1.97 -8.47 4.31
C ASP A 86 -0.60 -9.08 4.52
N TYR A 87 -0.17 -9.92 3.58
CA TYR A 87 1.16 -10.53 3.67
C TYR A 87 2.01 -10.16 2.46
N TYR A 88 3.29 -9.91 2.72
CA TYR A 88 4.22 -9.54 1.66
C TYR A 88 5.48 -10.36 1.72
N CYS A 89 5.90 -10.92 0.58
CA CYS A 89 7.16 -11.64 0.57
C CYS A 89 8.20 -10.60 0.18
N ALA A 90 9.47 -10.89 0.42
CA ALA A 90 10.53 -9.96 0.11
C ALA A 90 11.85 -10.67 -0.20
N ALA A 91 12.57 -10.17 -1.20
CA ALA A 91 13.86 -10.73 -1.59
C ALA A 91 14.74 -9.70 -2.29
N TRP A 92 16.05 -9.81 -2.06
CA TRP A 92 17.03 -8.93 -2.69
C TRP A 92 17.13 -9.35 -4.16
N ASP A 93 17.40 -8.39 -5.04
CA ASP A 93 17.54 -8.71 -6.46
C ASP A 93 18.93 -8.34 -6.95
N ASP A 94 19.71 -9.37 -7.26
CA ASP A 94 21.07 -9.22 -7.73
C ASP A 94 21.19 -8.30 -8.95
N SER A 95 20.29 -8.46 -9.91
CA SER A 95 20.29 -7.65 -11.14
C SER A 95 20.00 -6.18 -10.90
N LEU A 96 18.90 -5.91 -10.22
CA LEU A 96 18.47 -4.55 -9.94
C LEU A 96 19.22 -3.92 -8.78
N SER A 97 19.85 -4.75 -7.95
CA SER A 97 20.54 -4.23 -6.78
C SER A 97 19.52 -3.43 -5.97
N GLU A 98 18.39 -4.08 -5.70
CA GLU A 98 17.30 -3.50 -4.92
C GLU A 98 16.57 -4.59 -4.16
N PHE A 99 15.93 -4.21 -3.06
CA PHE A 99 15.16 -5.14 -2.24
C PHE A 99 13.72 -5.06 -2.73
N LEU A 100 13.17 -6.19 -3.17
CA LEU A 100 11.80 -6.23 -3.70
C LEU A 100 10.79 -6.83 -2.73
N PHE A 101 9.58 -6.30 -2.79
CA PHE A 101 8.47 -6.76 -1.97
C PHE A 101 7.43 -7.33 -2.93
N GLY A 102 6.85 -8.48 -2.60
CA GLY A 102 5.84 -9.05 -3.46
C GLY A 102 4.68 -8.09 -3.61
N THR A 103 3.72 -8.41 -4.48
CA THR A 103 2.57 -7.55 -4.71
C THR A 103 1.55 -7.52 -3.56
N GLY A 104 1.72 -8.42 -2.59
CA GLY A 104 0.82 -8.43 -1.46
C GLY A 104 -0.40 -9.33 -1.65
N THR A 105 -0.76 -10.03 -0.58
CA THR A 105 -1.90 -10.93 -0.58
C THR A 105 -2.77 -10.67 0.64
N LYS A 106 -4.07 -10.55 0.45
CA LYS A 106 -4.93 -10.37 1.60
C LYS A 106 -5.40 -11.75 2.05
N LEU A 107 -5.13 -12.08 3.31
CA LEU A 107 -5.55 -13.37 3.85
C LEU A 107 -6.79 -13.11 4.70
N THR A 108 -7.93 -13.66 4.31
CA THR A 108 -9.09 -13.46 5.15
C THR A 108 -9.50 -14.80 5.77
N VAL A 109 -9.78 -14.75 7.07
CA VAL A 109 -10.22 -15.90 7.85
C VAL A 109 -11.75 -15.80 7.80
N LEU A 110 -12.36 -16.66 6.98
CA LEU A 110 -13.81 -16.67 6.74
C LEU A 110 -14.73 -16.67 7.94
N GLY A 111 -15.60 -15.67 8.01
CA GLY A 111 -16.55 -15.54 9.11
C GLY A 111 -17.99 -15.43 8.64
N GLN A 112 -18.19 -15.49 7.34
CA GLN A 112 -19.51 -15.41 6.75
C GLN A 112 -19.42 -15.98 5.35
N PRO A 113 -20.55 -16.22 4.70
CA PRO A 113 -20.57 -16.78 3.34
C PRO A 113 -19.95 -15.88 2.28
N LYS A 114 -19.27 -16.49 1.32
CA LYS A 114 -18.70 -15.70 0.24
C LYS A 114 -19.87 -15.11 -0.50
N ALA A 115 -19.67 -13.93 -1.07
CA ALA A 115 -20.74 -13.27 -1.78
C ALA A 115 -20.15 -12.47 -2.92
N ALA A 116 -20.77 -12.62 -4.09
CA ALA A 116 -20.32 -11.94 -5.30
C ALA A 116 -20.67 -10.46 -5.27
N PRO A 117 -19.80 -9.63 -5.83
CA PRO A 117 -20.10 -8.19 -5.82
C PRO A 117 -21.18 -7.75 -6.77
N SER A 118 -21.91 -6.71 -6.37
CA SER A 118 -22.91 -6.09 -7.22
C SER A 118 -22.11 -4.88 -7.74
N VAL A 119 -22.22 -4.57 -9.02
CA VAL A 119 -21.44 -3.45 -9.56
C VAL A 119 -22.28 -2.41 -10.27
N THR A 120 -22.11 -1.16 -9.85
CA THR A 120 -22.86 -0.06 -10.44
C THR A 120 -21.90 0.97 -11.00
N LEU A 121 -22.02 1.23 -12.30
CA LEU A 121 -21.14 2.17 -13.00
C LEU A 121 -21.93 3.40 -13.45
N PHE A 122 -21.51 4.57 -12.97
CA PHE A 122 -22.18 5.83 -13.30
C PHE A 122 -21.37 6.60 -14.35
N PRO A 123 -22.04 7.11 -15.39
CA PRO A 123 -21.28 7.86 -16.41
C PRO A 123 -21.10 9.27 -15.86
N PRO A 124 -20.24 10.09 -16.51
CA PRO A 124 -20.05 11.45 -16.00
C PRO A 124 -21.43 12.13 -15.98
N SER A 125 -21.73 12.90 -14.95
CA SER A 125 -23.02 13.58 -14.90
C SER A 125 -22.98 14.79 -15.84
N SER A 126 -24.15 15.30 -16.22
CA SER A 126 -24.18 16.47 -17.10
C SER A 126 -23.56 17.66 -16.42
N GLU A 127 -23.78 17.77 -15.11
CA GLU A 127 -23.22 18.88 -14.36
C GLU A 127 -21.71 18.87 -14.42
N GLU A 128 -21.09 17.73 -14.17
CA GLU A 128 -19.64 17.65 -14.22
C GLU A 128 -19.13 17.97 -15.62
N LEU A 129 -19.80 17.43 -16.65
CA LEU A 129 -19.41 17.68 -18.02
C LEU A 129 -19.47 19.18 -18.31
N GLN A 130 -20.49 19.84 -17.78
CA GLN A 130 -20.63 21.27 -17.98
C GLN A 130 -19.53 22.04 -17.25
N ALA A 131 -18.92 21.39 -16.26
CA ALA A 131 -17.82 22.00 -15.51
C ALA A 131 -16.54 21.64 -16.23
N ASN A 132 -16.71 21.05 -17.42
CA ASN A 132 -15.60 20.66 -18.27
C ASN A 132 -14.68 19.59 -17.68
N LYS A 133 -15.28 18.63 -16.99
CA LYS A 133 -14.52 17.52 -16.41
C LYS A 133 -15.37 16.27 -16.64
N ALA A 134 -14.82 15.12 -16.30
CA ALA A 134 -15.53 13.85 -16.48
C ALA A 134 -14.96 12.76 -15.57
N THR A 135 -15.84 12.09 -14.85
CA THR A 135 -15.39 11.02 -13.97
C THR A 135 -16.40 9.88 -14.07
N LEU A 136 -15.89 8.68 -14.26
CA LEU A 136 -16.75 7.50 -14.32
C LEU A 136 -16.64 6.93 -12.92
N VAL A 137 -17.77 6.62 -12.29
CA VAL A 137 -17.73 6.08 -10.94
C VAL A 137 -18.21 4.63 -10.89
N CYS A 138 -17.32 3.74 -10.48
CA CYS A 138 -17.67 2.33 -10.41
C CYS A 138 -17.79 1.91 -8.96
N LEU A 139 -19.02 1.70 -8.52
CA LEU A 139 -19.25 1.30 -7.13
C LEU A 139 -19.48 -0.21 -7.04
N ILE A 140 -18.71 -0.83 -6.15
CA ILE A 140 -18.73 -2.27 -5.95
C ILE A 140 -19.21 -2.59 -4.54
N SER A 141 -20.31 -3.34 -4.44
CA SER A 141 -20.83 -3.64 -3.13
C SER A 141 -21.24 -5.08 -2.84
N ASP A 142 -21.52 -5.33 -1.57
CA ASP A 142 -21.96 -6.63 -1.07
C ASP A 142 -21.12 -7.86 -1.41
N PHE A 143 -19.81 -7.74 -1.35
CA PHE A 143 -18.97 -8.90 -1.63
C PHE A 143 -18.26 -9.30 -0.33
N TYR A 144 -17.96 -10.58 -0.13
CA TYR A 144 -17.35 -10.90 1.14
C TYR A 144 -15.84 -10.95 1.26
N PRO A 145 -15.19 -12.02 0.77
CA PRO A 145 -13.76 -11.81 1.03
C PRO A 145 -13.56 -10.39 0.49
N GLY A 146 -13.07 -9.51 1.36
CA GLY A 146 -12.89 -8.12 1.00
C GLY A 146 -11.69 -7.83 0.15
N ALA A 147 -11.66 -8.39 -1.06
CA ALA A 147 -10.55 -8.17 -1.97
C ALA A 147 -11.01 -8.32 -3.41
N VAL A 148 -10.84 -7.26 -4.18
CA VAL A 148 -11.23 -7.27 -5.59
C VAL A 148 -10.13 -6.64 -6.43
N THR A 149 -10.18 -6.93 -7.71
CA THR A 149 -9.25 -6.36 -8.66
C THR A 149 -10.14 -5.66 -9.66
N VAL A 150 -9.84 -4.40 -9.92
CA VAL A 150 -10.65 -3.61 -10.85
C VAL A 150 -9.84 -3.26 -12.09
N ALA A 151 -10.47 -3.38 -13.26
CA ALA A 151 -9.81 -3.06 -14.52
C ALA A 151 -10.76 -2.19 -15.34
N TRP A 152 -10.20 -1.25 -16.09
CA TRP A 152 -11.02 -0.37 -16.93
C TRP A 152 -10.70 -0.54 -18.41
N LYS A 153 -11.70 -0.36 -19.25
CA LYS A 153 -11.53 -0.48 -20.69
C LYS A 153 -12.21 0.68 -21.43
N ALA A 154 -11.54 1.18 -22.46
CA ALA A 154 -12.10 2.24 -23.29
C ALA A 154 -12.43 1.43 -24.55
N ASP A 155 -13.71 1.20 -24.79
CA ASP A 155 -14.16 0.38 -25.91
C ASP A 155 -13.81 -1.08 -25.58
N SER A 156 -12.68 -1.57 -26.10
CA SER A 156 -12.25 -2.94 -25.85
C SER A 156 -10.81 -2.99 -25.39
N SER A 157 -10.18 -1.81 -25.34
CA SER A 157 -8.78 -1.69 -24.94
C SER A 157 -8.63 -1.35 -23.45
N PRO A 158 -7.58 -1.89 -22.80
CA PRO A 158 -7.29 -1.65 -21.38
C PRO A 158 -6.84 -0.22 -21.16
N VAL A 159 -7.18 0.36 -20.01
CA VAL A 159 -6.80 1.72 -19.68
C VAL A 159 -6.35 1.81 -18.23
N LYS A 160 -5.08 2.11 -18.01
CA LYS A 160 -4.59 2.21 -16.64
C LYS A 160 -4.29 3.64 -16.20
N ALA A 161 -4.46 4.59 -17.11
CA ALA A 161 -4.18 5.99 -16.80
C ALA A 161 -5.40 6.72 -16.21
N GLY A 162 -5.17 7.49 -15.15
CA GLY A 162 -6.25 8.25 -14.53
C GLY A 162 -7.24 7.42 -13.72
N VAL A 163 -6.76 6.33 -13.15
CA VAL A 163 -7.59 5.43 -12.36
C VAL A 163 -7.19 5.46 -10.89
N GLU A 164 -8.20 5.50 -10.01
CA GLU A 164 -7.99 5.49 -8.57
C GLU A 164 -9.03 4.53 -7.97
N THR A 165 -8.56 3.59 -7.17
CA THR A 165 -9.44 2.60 -6.56
C THR A 165 -9.26 2.55 -5.04
N THR A 166 -10.35 2.39 -4.30
CA THR A 166 -10.24 2.36 -2.84
C THR A 166 -10.10 0.93 -2.32
N THR A 167 -9.49 0.80 -1.14
CA THR A 167 -9.34 -0.50 -0.52
C THR A 167 -10.74 -0.85 0.02
N PRO A 168 -11.16 -2.11 -0.16
CA PRO A 168 -12.49 -2.49 0.33
C PRO A 168 -12.62 -2.24 1.85
N SER A 169 -13.82 -1.86 2.29
CA SER A 169 -14.06 -1.63 3.71
C SER A 169 -15.51 -2.02 4.01
N LYS A 170 -15.78 -2.29 5.28
CA LYS A 170 -17.10 -2.73 5.74
C LYS A 170 -18.30 -1.80 5.60
N GLN A 171 -19.38 -2.34 5.06
CA GLN A 171 -20.62 -1.59 4.93
C GLN A 171 -21.49 -1.98 6.12
N SER A 172 -22.63 -1.34 6.28
CA SER A 172 -23.50 -1.62 7.41
C SER A 172 -23.91 -3.08 7.62
N ASN A 173 -24.09 -3.83 6.54
CA ASN A 173 -24.49 -5.22 6.69
C ASN A 173 -23.31 -6.17 6.84
N ASN A 174 -22.15 -5.61 7.17
CA ASN A 174 -20.90 -6.35 7.37
C ASN A 174 -20.26 -7.02 6.13
N LYS A 175 -20.79 -6.75 4.95
CA LYS A 175 -20.16 -7.26 3.73
C LYS A 175 -19.24 -6.11 3.29
N TYR A 176 -18.52 -6.27 2.18
CA TYR A 176 -17.59 -5.23 1.74
C TYR A 176 -18.02 -4.44 0.51
N ALA A 177 -17.51 -3.22 0.42
CA ALA A 177 -17.78 -2.33 -0.72
C ALA A 177 -16.47 -1.63 -1.07
N ALA A 178 -16.35 -1.25 -2.34
CA ALA A 178 -15.17 -0.53 -2.79
C ALA A 178 -15.61 0.33 -3.96
N SER A 179 -14.74 1.24 -4.37
CA SER A 179 -15.09 2.12 -5.47
C SER A 179 -13.88 2.38 -6.34
N SER A 180 -14.13 2.70 -7.60
CA SER A 180 -13.04 2.99 -8.52
C SER A 180 -13.48 4.18 -9.37
N TYR A 181 -12.51 5.02 -9.71
CA TYR A 181 -12.77 6.21 -10.49
C TYR A 181 -11.91 6.25 -11.75
N LEU A 182 -12.50 6.65 -12.87
CA LEU A 182 -11.72 6.79 -14.09
C LEU A 182 -11.90 8.25 -14.54
N SER A 183 -10.82 9.01 -14.49
CA SER A 183 -10.85 10.42 -14.87
C SER A 183 -10.53 10.62 -16.34
N LEU A 184 -11.47 11.21 -17.07
CA LEU A 184 -11.32 11.47 -18.50
C LEU A 184 -11.57 12.95 -18.77
N THR A 185 -11.34 13.36 -20.02
CA THR A 185 -11.61 14.74 -20.43
C THR A 185 -12.99 14.60 -21.06
N PRO A 186 -13.77 15.70 -21.12
CA PRO A 186 -15.07 15.53 -21.74
C PRO A 186 -14.89 15.01 -23.16
N GLU A 187 -13.77 15.38 -23.78
CA GLU A 187 -13.43 14.97 -25.14
C GLU A 187 -13.31 13.44 -25.23
N GLN A 188 -12.48 12.88 -24.37
CA GLN A 188 -12.28 11.44 -24.33
C GLN A 188 -13.62 10.74 -24.11
N TRP A 189 -14.40 11.25 -23.16
CA TRP A 189 -15.69 10.64 -22.89
C TRP A 189 -16.55 10.60 -24.14
N LYS A 190 -16.64 11.73 -24.84
CA LYS A 190 -17.44 11.84 -26.05
C LYS A 190 -16.93 11.05 -27.26
N SER A 191 -15.62 10.88 -27.35
CA SER A 191 -15.01 10.20 -28.49
C SER A 191 -15.13 8.68 -28.55
N HIS A 192 -15.13 8.02 -27.40
CA HIS A 192 -15.21 6.56 -27.35
C HIS A 192 -16.61 5.98 -27.47
N LYS A 193 -16.68 4.81 -28.11
CA LYS A 193 -17.94 4.11 -28.30
C LYS A 193 -18.51 3.75 -26.92
N SER A 194 -17.63 3.39 -25.98
CA SER A 194 -18.06 3.04 -24.63
C SER A 194 -16.89 2.78 -23.69
N TYR A 195 -17.18 2.76 -22.39
CA TYR A 195 -16.17 2.50 -21.37
C TYR A 195 -16.70 1.40 -20.45
N SER A 196 -15.80 0.60 -19.88
CA SER A 196 -16.20 -0.51 -19.00
C SER A 196 -15.42 -0.63 -17.70
N CYS A 197 -16.10 -1.13 -16.67
CA CYS A 197 -15.46 -1.37 -15.37
C CYS A 197 -15.54 -2.88 -15.16
N GLN A 198 -14.39 -3.53 -14.99
CA GLN A 198 -14.36 -4.97 -14.79
C GLN A 198 -13.87 -5.27 -13.39
N VAL A 199 -14.69 -5.94 -12.59
CA VAL A 199 -14.26 -6.26 -11.23
C VAL A 199 -14.11 -7.76 -11.08
N THR A 200 -12.91 -8.20 -10.75
CA THR A 200 -12.63 -9.62 -10.55
C THR A 200 -12.65 -9.94 -9.06
N HIS A 201 -13.41 -10.98 -8.71
CA HIS A 201 -13.56 -11.42 -7.33
C HIS A 201 -13.75 -12.94 -7.26
N GLU A 202 -12.94 -13.61 -6.44
CA GLU A 202 -13.05 -15.06 -6.27
C GLU A 202 -13.31 -15.87 -7.56
N GLY A 203 -12.41 -15.77 -8.53
CA GLY A 203 -12.62 -16.53 -9.76
C GLY A 203 -13.79 -16.10 -10.61
N SER A 204 -14.03 -14.80 -10.66
CA SER A 204 -15.11 -14.27 -11.47
C SER A 204 -14.93 -12.81 -11.76
N THR A 205 -15.49 -12.41 -12.90
CA THR A 205 -15.42 -11.03 -13.35
C THR A 205 -16.78 -10.52 -13.77
N VAL A 206 -17.19 -9.42 -13.15
CA VAL A 206 -18.46 -8.78 -13.45
C VAL A 206 -18.11 -7.49 -14.18
N GLU A 207 -18.60 -7.33 -15.41
CA GLU A 207 -18.29 -6.13 -16.17
C GLU A 207 -19.52 -5.31 -16.48
N LYS A 208 -19.45 -4.02 -16.19
CA LYS A 208 -20.54 -3.09 -16.46
C LYS A 208 -20.04 -2.13 -17.53
N THR A 209 -20.94 -1.63 -18.36
CA THR A 209 -20.54 -0.73 -19.43
C THR A 209 -21.51 0.43 -19.60
N VAL A 210 -20.97 1.60 -19.95
CA VAL A 210 -21.80 2.78 -20.20
C VAL A 210 -21.26 3.44 -21.46
N ALA A 211 -22.09 4.22 -22.12
CA ALA A 211 -21.66 4.87 -23.34
C ALA A 211 -22.14 6.31 -23.42
N PRO A 212 -21.30 7.19 -23.99
CA PRO A 212 -21.57 8.62 -24.17
C PRO A 212 -23.01 8.86 -24.63
N THR A 213 -23.51 7.95 -25.47
CA THR A 213 -24.86 8.05 -25.98
C THR A 213 -25.90 7.68 -24.91
N GLY B 1 12.51 -2.69 25.09
CA GLY B 1 12.46 -3.50 23.85
C GLY B 1 12.74 -2.61 22.66
N VAL B 2 13.02 -3.22 21.52
CA VAL B 2 13.32 -2.46 20.31
C VAL B 2 12.15 -1.56 19.92
N GLN B 3 12.36 -0.25 19.99
CA GLN B 3 11.34 0.73 19.64
C GLN B 3 11.86 1.59 18.50
N LEU B 4 10.99 1.91 17.55
CA LEU B 4 11.36 2.75 16.42
C LEU B 4 10.19 3.68 16.16
N VAL B 5 10.43 4.99 16.25
CA VAL B 5 9.36 5.96 16.02
C VAL B 5 9.76 6.99 14.96
N GLU B 6 8.97 7.06 13.89
CA GLU B 6 9.24 8.00 12.81
C GLU B 6 8.59 9.35 13.07
N SER B 7 9.30 10.42 12.73
CA SER B 7 8.79 11.78 12.93
C SER B 7 9.03 12.61 11.67
N GLY B 8 8.43 13.81 11.63
CA GLY B 8 8.62 14.69 10.50
C GLY B 8 7.62 14.60 9.37
N GLY B 9 6.62 13.73 9.51
CA GLY B 9 5.63 13.58 8.47
C GLY B 9 4.62 14.70 8.40
N GLY B 10 4.10 14.96 7.20
CA GLY B 10 3.12 16.02 7.03
C GLY B 10 2.92 16.35 5.57
N VAL B 11 2.18 17.44 5.30
CA VAL B 11 1.93 17.86 3.93
C VAL B 11 3.08 18.73 3.44
N VAL B 12 3.46 18.53 2.18
CA VAL B 12 4.54 19.29 1.57
C VAL B 12 4.27 19.48 0.08
N GLN B 13 4.59 20.67 -0.42
CA GLN B 13 4.38 20.99 -1.82
C GLN B 13 5.38 20.26 -2.71
N PRO B 14 4.95 19.88 -3.92
CA PRO B 14 5.86 19.16 -4.82
C PRO B 14 7.11 20.02 -5.04
N GLY B 15 8.23 19.38 -5.38
CA GLY B 15 9.46 20.12 -5.63
C GLY B 15 10.09 20.70 -4.37
N ARG B 16 9.44 20.50 -3.23
CA ARG B 16 9.96 20.99 -1.96
C ARG B 16 10.79 19.91 -1.26
N SER B 17 11.25 20.21 -0.05
CA SER B 17 12.09 19.24 0.66
C SER B 17 11.62 18.96 2.09
N LEU B 18 11.82 17.72 2.53
CA LEU B 18 11.42 17.31 3.87
C LEU B 18 12.37 16.28 4.45
N ARG B 19 12.62 16.37 5.75
CA ARG B 19 13.49 15.43 6.43
C ARG B 19 12.72 14.62 7.46
N LEU B 20 12.85 13.31 7.39
CA LEU B 20 12.18 12.42 8.32
C LEU B 20 13.18 11.95 9.35
N SER B 21 12.69 11.67 10.55
CA SER B 21 13.56 11.21 11.62
C SER B 21 13.02 9.90 12.19
N CYS B 22 13.91 9.04 12.62
CA CYS B 22 13.53 7.77 13.22
C CYS B 22 14.32 7.60 14.52
N ALA B 23 13.63 7.75 15.65
CA ALA B 23 14.26 7.60 16.95
C ALA B 23 14.27 6.11 17.28
N ALA B 24 15.44 5.57 17.59
CA ALA B 24 15.55 4.17 17.94
C ALA B 24 16.01 4.00 19.38
N SER B 25 15.58 2.94 20.02
CA SER B 25 15.96 2.66 21.40
C SER B 25 15.75 1.20 21.70
N GLY B 26 16.32 0.71 22.80
CA GLY B 26 16.16 -0.67 23.17
C GLY B 26 17.18 -1.60 22.53
N PHE B 27 18.17 -1.03 21.87
CA PHE B 27 19.23 -1.82 21.25
C PHE B 27 20.40 -0.92 20.89
N THR B 28 21.57 -1.53 20.72
CA THR B 28 22.76 -0.80 20.34
C THR B 28 22.60 -0.39 18.88
N PHE B 29 22.04 0.80 18.66
CA PHE B 29 21.79 1.33 17.32
C PHE B 29 22.97 1.20 16.36
N SER B 30 24.16 1.48 16.88
CA SER B 30 25.42 1.46 16.12
C SER B 30 25.84 0.16 15.46
N THR B 31 25.37 -0.97 15.98
CA THR B 31 25.75 -2.27 15.43
C THR B 31 24.79 -2.79 14.36
N TYR B 32 23.76 -2.02 14.03
CA TYR B 32 22.76 -2.44 13.04
C TYR B 32 22.59 -1.54 11.83
N ALA B 33 22.34 -2.16 10.68
CA ALA B 33 22.08 -1.43 9.45
C ALA B 33 20.59 -1.09 9.50
N MET B 34 20.17 -0.04 8.81
CA MET B 34 18.76 0.38 8.82
C MET B 34 18.19 0.56 7.42
N HIS B 35 16.87 0.41 7.30
CA HIS B 35 16.17 0.57 6.03
C HIS B 35 15.06 1.58 6.13
N TRP B 36 14.57 1.99 4.96
CA TRP B 36 13.45 2.90 4.84
C TRP B 36 12.56 2.21 3.81
N VAL B 37 11.28 2.07 4.13
CA VAL B 37 10.31 1.43 3.25
C VAL B 37 9.10 2.36 3.25
N ARG B 38 8.40 2.44 2.12
CA ARG B 38 7.23 3.31 2.07
C ARG B 38 6.05 2.58 1.49
N GLN B 39 4.87 3.13 1.69
CA GLN B 39 3.67 2.50 1.18
C GLN B 39 2.70 3.59 0.79
N ALA B 40 2.40 3.67 -0.50
CA ALA B 40 1.46 4.65 -1.01
C ALA B 40 0.07 4.21 -0.57
N PRO B 41 -0.88 5.14 -0.51
CA PRO B 41 -2.26 4.84 -0.10
C PRO B 41 -2.87 3.64 -0.83
N GLY B 42 -3.19 2.60 -0.07
CA GLY B 42 -3.79 1.40 -0.64
C GLY B 42 -2.87 0.58 -1.54
N LYS B 43 -1.58 0.89 -1.51
CA LYS B 43 -0.62 0.17 -2.35
C LYS B 43 0.23 -0.80 -1.53
N GLY B 44 1.14 -1.49 -2.21
CA GLY B 44 2.02 -2.43 -1.54
C GLY B 44 3.28 -1.76 -1.02
N LEU B 45 4.08 -2.52 -0.27
CA LEU B 45 5.32 -1.99 0.28
C LEU B 45 6.35 -1.75 -0.82
N GLU B 46 7.17 -0.72 -0.64
CA GLU B 46 8.21 -0.38 -1.60
C GLU B 46 9.47 0.01 -0.86
N TRP B 47 10.55 -0.72 -1.12
CA TRP B 47 11.84 -0.44 -0.48
C TRP B 47 12.38 0.92 -0.95
N VAL B 48 12.97 1.68 -0.03
CA VAL B 48 13.51 2.99 -0.40
C VAL B 48 15.03 3.04 -0.35
N ALA B 49 15.61 2.69 0.79
CA ALA B 49 17.05 2.71 0.92
C ALA B 49 17.55 1.85 2.09
N ILE B 50 18.87 1.75 2.19
CA ILE B 50 19.53 0.97 3.23
C ILE B 50 20.85 1.68 3.52
N ILE B 51 21.26 1.71 4.78
CA ILE B 51 22.52 2.34 5.17
C ILE B 51 23.27 1.38 6.09
N SER B 52 24.57 1.21 5.88
CA SER B 52 25.36 0.31 6.72
C SER B 52 25.28 0.73 8.19
N TYR B 53 25.66 -0.19 9.08
CA TYR B 53 25.61 0.10 10.50
C TYR B 53 26.43 1.33 10.87
N ASP B 54 27.57 1.52 10.22
CA ASP B 54 28.43 2.66 10.53
C ASP B 54 28.18 3.92 9.70
N GLY B 55 27.35 3.80 8.67
CA GLY B 55 27.05 4.95 7.84
C GLY B 55 27.83 4.99 6.53
N SER B 56 28.84 4.12 6.42
CA SER B 56 29.69 4.03 5.24
C SER B 56 28.97 3.89 3.92
N LYS B 57 28.31 2.75 3.72
CA LYS B 57 27.62 2.49 2.46
C LYS B 57 26.12 2.63 2.52
N LYS B 58 25.52 2.74 1.33
CA LYS B 58 24.08 2.88 1.21
C LYS B 58 23.64 2.66 -0.25
N TYR B 59 22.47 2.06 -0.41
CA TYR B 59 21.88 1.81 -1.72
C TYR B 59 20.54 2.52 -1.78
N TYR B 60 20.02 2.70 -2.99
CA TYR B 60 18.74 3.36 -3.17
C TYR B 60 17.92 2.70 -4.24
N ALA B 61 16.61 2.88 -4.18
CA ALA B 61 15.73 2.34 -5.20
C ALA B 61 15.82 3.37 -6.30
N ASP B 62 15.84 2.93 -7.55
CA ASP B 62 15.94 3.85 -8.68
C ASP B 62 14.90 4.97 -8.63
N SER B 63 13.82 4.71 -7.91
CA SER B 63 12.73 5.67 -7.78
C SER B 63 13.12 6.92 -7.00
N VAL B 64 14.12 6.79 -6.13
CA VAL B 64 14.55 7.92 -5.31
C VAL B 64 16.02 8.30 -5.53
N LYS B 65 16.70 7.58 -6.42
CA LYS B 65 18.11 7.86 -6.71
C LYS B 65 18.33 9.30 -7.13
N GLY B 66 19.20 10.00 -6.39
CA GLY B 66 19.49 11.38 -6.72
C GLY B 66 18.68 12.41 -5.95
N ARG B 67 17.50 12.02 -5.47
CA ARG B 67 16.65 12.96 -4.72
C ARG B 67 16.70 12.79 -3.21
N PHE B 68 16.70 11.54 -2.74
CA PHE B 68 16.71 11.23 -1.32
C PHE B 68 18.11 10.88 -0.82
N THR B 69 18.35 11.20 0.45
CA THR B 69 19.63 10.90 1.07
C THR B 69 19.35 10.24 2.41
N ILE B 70 19.96 9.08 2.63
CA ILE B 70 19.77 8.35 3.87
C ILE B 70 21.00 8.57 4.76
N SER B 71 20.77 8.87 6.04
CA SER B 71 21.86 9.12 6.97
C SER B 71 21.48 8.72 8.40
N ARG B 72 22.47 8.72 9.29
CA ARG B 72 22.24 8.35 10.69
C ARG B 72 23.23 9.01 11.63
N ASP B 73 22.84 9.15 12.89
CA ASP B 73 23.68 9.74 13.92
C ASP B 73 23.78 8.72 15.03
N ASN B 74 24.80 7.88 14.98
CA ASN B 74 24.98 6.83 15.97
C ASN B 74 25.24 7.31 17.40
N SER B 75 25.30 8.62 17.61
CA SER B 75 25.53 9.13 18.96
C SER B 75 24.17 9.55 19.50
N LYS B 76 23.25 9.84 18.59
CA LYS B 76 21.90 10.25 18.95
C LYS B 76 20.89 9.14 18.66
N ASN B 77 21.39 7.98 18.21
CA ASN B 77 20.53 6.85 17.89
C ASN B 77 19.36 7.25 17.02
N THR B 78 19.66 7.99 15.96
CA THR B 78 18.63 8.45 15.04
C THR B 78 18.96 8.13 13.60
N LEU B 79 17.92 7.88 12.81
CA LEU B 79 18.07 7.58 11.38
C LEU B 79 17.36 8.72 10.65
N TYR B 80 17.93 9.14 9.51
CA TYR B 80 17.34 10.23 8.74
C TYR B 80 17.07 9.88 7.29
N LEU B 81 16.08 10.55 6.72
CA LEU B 81 15.75 10.38 5.32
C LEU B 81 15.49 11.79 4.81
N GLN B 82 16.47 12.36 4.13
CA GLN B 82 16.34 13.70 3.59
C GLN B 82 15.75 13.57 2.20
N MET B 83 14.51 14.03 2.04
CA MET B 83 13.82 13.94 0.75
C MET B 83 13.79 15.29 0.07
N ASN B 84 14.24 15.34 -1.18
CA ASN B 84 14.25 16.59 -1.95
C ASN B 84 13.55 16.39 -3.28
N SER B 85 13.14 17.49 -3.90
CA SER B 85 12.47 17.44 -5.19
C SER B 85 11.27 16.51 -5.13
N LEU B 86 10.64 16.44 -3.96
CA LEU B 86 9.49 15.59 -3.74
C LEU B 86 8.49 15.65 -4.88
N ARG B 87 7.79 14.54 -5.09
CA ARG B 87 6.80 14.45 -6.15
C ARG B 87 5.50 13.91 -5.57
N ALA B 88 4.50 13.77 -6.43
CA ALA B 88 3.21 13.24 -5.99
C ALA B 88 3.38 11.76 -5.66
N GLU B 89 4.23 11.07 -6.42
CA GLU B 89 4.48 9.65 -6.24
C GLU B 89 5.15 9.31 -4.92
N ASP B 90 5.62 10.33 -4.22
CA ASP B 90 6.28 10.12 -2.94
C ASP B 90 5.28 10.15 -1.78
N THR B 91 4.02 10.41 -2.12
CA THR B 91 2.96 10.44 -1.12
C THR B 91 2.81 9.02 -0.58
N ALA B 92 3.07 8.84 0.70
CA ALA B 92 2.97 7.51 1.29
C ALA B 92 3.35 7.52 2.76
N VAL B 93 3.18 6.37 3.41
CA VAL B 93 3.58 6.23 4.79
C VAL B 93 5.02 5.76 4.71
N TYR B 94 5.92 6.43 5.41
CA TYR B 94 7.31 6.06 5.40
C TYR B 94 7.67 5.31 6.66
N TYR B 95 8.19 4.10 6.47
CA TYR B 95 8.56 3.22 7.57
C TYR B 95 10.05 3.12 7.79
N CYS B 96 10.41 3.01 9.06
CA CYS B 96 11.78 2.87 9.51
C CYS B 96 11.89 1.39 9.85
N ALA B 97 12.98 0.74 9.44
CA ALA B 97 13.14 -0.68 9.73
C ALA B 97 14.57 -1.07 10.08
N ARG B 98 14.71 -1.98 11.05
CA ARG B 98 16.02 -2.46 11.46
C ARG B 98 16.35 -3.76 10.73
N ALA B 99 17.63 -3.93 10.41
CA ALA B 99 18.09 -5.12 9.75
C ALA B 99 18.59 -6.07 10.82
N SER B 100 18.42 -7.38 10.61
CA SER B 100 18.88 -8.35 11.58
C SER B 100 20.37 -8.13 11.76
N ILE B 101 20.89 -8.53 12.91
CA ILE B 101 22.29 -8.33 13.26
C ILE B 101 23.28 -8.98 12.31
N ALA B 102 22.88 -10.07 11.66
CA ALA B 102 23.80 -10.76 10.76
C ALA B 102 23.28 -10.89 9.34
N ALA B 103 22.17 -10.23 9.03
CA ALA B 103 21.59 -10.30 7.68
C ALA B 103 20.78 -9.05 7.34
N ALA B 104 21.32 -8.21 6.47
CA ALA B 104 20.64 -6.99 6.06
C ALA B 104 19.38 -7.31 5.26
N ARG B 105 19.33 -8.49 4.66
CA ARG B 105 18.16 -8.89 3.87
C ARG B 105 16.93 -9.11 4.74
N VAL B 106 17.12 -9.13 6.06
CA VAL B 106 16.03 -9.36 6.99
C VAL B 106 15.69 -8.11 7.81
N LEU B 107 14.44 -7.66 7.75
CA LEU B 107 14.04 -6.48 8.52
C LEU B 107 13.25 -7.02 9.72
N ASP B 108 13.95 -7.24 10.84
CA ASP B 108 13.30 -7.81 12.01
C ASP B 108 12.39 -6.90 12.86
N TYR B 109 12.57 -5.59 12.76
CA TYR B 109 11.74 -4.67 13.53
C TYR B 109 11.38 -3.42 12.73
N TRP B 110 10.11 -3.05 12.75
CA TRP B 110 9.65 -1.85 12.04
C TRP B 110 8.97 -0.93 13.05
N GLY B 111 8.77 0.32 12.66
CA GLY B 111 8.08 1.24 13.54
C GLY B 111 6.80 1.58 12.82
N ARG B 112 5.90 2.33 13.46
CA ARG B 112 4.70 2.74 12.76
C ARG B 112 5.25 3.88 11.92
N GLY B 113 4.87 3.94 10.66
CA GLY B 113 5.40 4.99 9.82
C GLY B 113 4.95 6.39 10.16
N THR B 114 5.17 7.28 9.22
CA THR B 114 4.78 8.67 9.34
C THR B 114 4.25 9.02 7.95
N MET B 115 3.07 9.62 7.90
CA MET B 115 2.42 9.97 6.64
C MET B 115 3.06 11.18 5.96
N VAL B 116 3.28 11.05 4.65
CA VAL B 116 3.86 12.13 3.86
C VAL B 116 3.01 12.39 2.64
N THR B 117 2.29 13.51 2.66
CA THR B 117 1.41 13.89 1.56
C THR B 117 2.05 15.04 0.78
N VAL B 118 2.39 14.79 -0.48
CA VAL B 118 2.98 15.82 -1.32
C VAL B 118 1.91 16.42 -2.21
N SER B 119 1.42 17.60 -1.80
CA SER B 119 0.37 18.26 -2.55
C SER B 119 0.51 19.78 -2.49
N SER B 120 0.10 20.46 -3.56
CA SER B 120 0.16 21.92 -3.65
C SER B 120 -1.15 22.54 -3.21
N ALA B 121 -2.11 21.70 -2.87
CA ALA B 121 -3.43 22.16 -2.48
C ALA B 121 -3.50 22.92 -1.15
N SER B 122 -4.53 23.75 -1.04
CA SER B 122 -4.82 24.53 0.16
C SER B 122 -6.26 24.22 0.52
N THR B 123 -6.71 24.68 1.68
CA THR B 123 -8.08 24.43 2.08
C THR B 123 -8.99 24.76 0.91
N LYS B 124 -9.90 23.85 0.59
CA LYS B 124 -10.80 24.03 -0.54
C LYS B 124 -12.06 23.21 -0.34
N GLY B 125 -13.21 23.86 -0.57
CA GLY B 125 -14.50 23.21 -0.43
C GLY B 125 -14.75 22.27 -1.61
N PRO B 126 -15.61 21.26 -1.43
CA PRO B 126 -15.95 20.28 -2.47
C PRO B 126 -16.97 20.72 -3.51
N SER B 127 -16.80 20.20 -4.72
CA SER B 127 -17.75 20.43 -5.80
C SER B 127 -18.54 19.13 -5.72
N VAL B 128 -19.85 19.20 -5.56
CA VAL B 128 -20.64 18.00 -5.47
C VAL B 128 -21.48 17.75 -6.72
N PHE B 129 -21.30 16.57 -7.32
CA PHE B 129 -22.04 16.23 -8.51
C PHE B 129 -22.99 15.07 -8.20
N PRO B 130 -24.13 15.04 -8.86
CA PRO B 130 -25.08 13.95 -8.60
C PRO B 130 -24.79 12.70 -9.43
N LEU B 131 -25.13 11.54 -8.89
CA LEU B 131 -24.96 10.26 -9.59
C LEU B 131 -26.40 9.79 -9.72
N ALA B 132 -27.06 10.27 -10.76
CA ALA B 132 -28.46 9.95 -11.03
C ALA B 132 -28.71 8.48 -11.32
N PRO B 133 -29.89 7.98 -10.93
CA PRO B 133 -30.30 6.59 -11.14
C PRO B 133 -30.84 6.36 -12.55
N THR B 142 -35.34 -1.76 -7.02
CA THR B 142 -34.36 -0.90 -6.34
C THR B 142 -33.44 -0.21 -7.32
N ALA B 143 -32.98 0.98 -6.95
CA ALA B 143 -32.07 1.75 -7.79
C ALA B 143 -30.98 2.39 -6.95
N ALA B 144 -29.78 2.43 -7.51
CA ALA B 144 -28.66 3.04 -6.82
C ALA B 144 -28.52 4.47 -7.31
N LEU B 145 -28.33 5.39 -6.37
CA LEU B 145 -28.14 6.78 -6.70
C LEU B 145 -27.16 7.30 -5.67
N GLY B 146 -26.43 8.36 -6.02
CA GLY B 146 -25.47 8.88 -5.09
C GLY B 146 -24.93 10.26 -5.42
N CYS B 147 -23.87 10.62 -4.72
CA CYS B 147 -23.23 11.90 -4.90
C CYS B 147 -21.73 11.71 -5.07
N LEU B 148 -21.14 12.46 -5.98
CA LEU B 148 -19.70 12.41 -6.20
C LEU B 148 -19.21 13.68 -5.51
N VAL B 149 -18.36 13.53 -4.51
CA VAL B 149 -17.84 14.67 -3.76
C VAL B 149 -16.37 14.81 -4.13
N LYS B 150 -16.05 15.74 -5.02
CA LYS B 150 -14.66 15.87 -5.44
C LYS B 150 -13.98 17.23 -5.30
N ASP B 151 -12.66 17.16 -5.33
CA ASP B 151 -11.78 18.33 -5.25
C ASP B 151 -11.83 19.15 -3.97
N TYR B 152 -11.81 18.49 -2.82
CA TYR B 152 -11.81 19.19 -1.54
C TYR B 152 -10.46 18.93 -0.88
N PHE B 153 -10.06 19.73 0.11
CA PHE B 153 -8.76 19.48 0.68
C PHE B 153 -8.60 18.78 2.04
N PRO B 154 -8.48 19.53 3.15
CA PRO B 154 -8.32 18.72 4.36
C PRO B 154 -9.37 17.60 4.30
N GLU B 155 -9.00 16.41 4.75
CA GLU B 155 -9.88 15.24 4.68
C GLU B 155 -11.18 15.10 5.45
N PRO B 156 -11.37 15.83 6.54
CA PRO B 156 -12.69 15.43 7.01
C PRO B 156 -13.90 15.93 6.21
N VAL B 157 -14.42 15.07 5.32
CA VAL B 157 -15.65 15.39 4.59
C VAL B 157 -16.68 14.40 5.12
N THR B 158 -17.86 14.88 5.46
CA THR B 158 -18.90 14.02 5.97
C THR B 158 -20.13 14.05 5.07
N VAL B 159 -20.85 12.93 5.00
CA VAL B 159 -22.04 12.88 4.16
C VAL B 159 -23.23 12.23 4.84
N SER B 160 -24.40 12.83 4.65
CA SER B 160 -25.62 12.26 5.20
C SER B 160 -26.66 12.44 4.10
N TRP B 161 -27.77 11.70 4.18
CA TRP B 161 -28.81 11.81 3.18
C TRP B 161 -30.12 12.30 3.79
N ASN B 162 -30.82 13.14 3.06
CA ASN B 162 -32.09 13.71 3.51
C ASN B 162 -32.00 14.16 4.98
N SER B 163 -30.96 14.92 5.27
CA SER B 163 -30.71 15.47 6.60
C SER B 163 -30.55 14.43 7.69
N GLY B 164 -30.12 13.22 7.32
CA GLY B 164 -29.92 12.19 8.31
C GLY B 164 -31.11 11.27 8.52
N ALA B 165 -32.22 11.55 7.82
CA ALA B 165 -33.40 10.72 7.95
C ALA B 165 -33.22 9.42 7.17
N LEU B 166 -32.31 9.45 6.20
CA LEU B 166 -32.03 8.29 5.36
C LEU B 166 -30.70 7.66 5.77
N THR B 167 -30.76 6.47 6.34
CA THR B 167 -29.55 5.79 6.78
C THR B 167 -29.43 4.37 6.25
N SER B 168 -30.53 3.61 6.24
CA SER B 168 -30.51 2.24 5.75
C SER B 168 -30.24 2.22 4.25
N GLY B 169 -29.32 1.37 3.83
CA GLY B 169 -28.99 1.26 2.42
C GLY B 169 -28.03 2.36 1.98
N VAL B 170 -27.33 2.94 2.95
CA VAL B 170 -26.37 4.02 2.68
C VAL B 170 -24.93 3.61 2.98
N HIS B 171 -24.02 3.98 2.10
CA HIS B 171 -22.61 3.72 2.29
C HIS B 171 -21.81 4.87 1.69
N THR B 172 -20.91 5.44 2.47
CA THR B 172 -20.06 6.51 2.00
C THR B 172 -18.67 5.92 1.95
N PHE B 173 -18.01 6.01 0.80
CA PHE B 173 -16.69 5.43 0.63
C PHE B 173 -15.53 6.29 1.11
N PRO B 174 -14.40 5.64 1.43
CA PRO B 174 -13.23 6.39 1.87
C PRO B 174 -12.80 7.28 0.72
N ALA B 175 -12.06 8.34 1.03
CA ALA B 175 -11.64 9.25 -0.01
C ALA B 175 -10.40 8.74 -0.73
N VAL B 176 -10.17 9.28 -1.92
CA VAL B 176 -9.02 8.95 -2.73
C VAL B 176 -8.29 10.26 -2.95
N LEU B 177 -6.97 10.23 -2.98
CA LEU B 177 -6.17 11.43 -3.22
C LEU B 177 -5.83 11.41 -4.70
N GLN B 178 -6.60 12.14 -5.50
CA GLN B 178 -6.36 12.15 -6.93
C GLN B 178 -5.10 12.91 -7.35
N SER B 179 -4.78 12.82 -8.63
CA SER B 179 -3.60 13.47 -9.20
C SER B 179 -3.56 14.96 -8.88
N SER B 180 -4.69 15.65 -9.10
CA SER B 180 -4.79 17.08 -8.84
C SER B 180 -4.25 17.50 -7.47
N GLY B 181 -4.09 16.53 -6.57
CA GLY B 181 -3.61 16.83 -5.23
C GLY B 181 -4.77 17.01 -4.26
N LEU B 182 -5.98 16.97 -4.80
CA LEU B 182 -7.20 17.12 -4.01
C LEU B 182 -7.88 15.78 -3.79
N TYR B 183 -8.74 15.70 -2.78
CA TYR B 183 -9.45 14.45 -2.48
C TYR B 183 -10.82 14.39 -3.13
N SER B 184 -11.34 13.17 -3.21
CA SER B 184 -12.66 12.90 -3.78
C SER B 184 -13.22 11.61 -3.18
N LEU B 185 -14.53 11.55 -3.02
CA LEU B 185 -15.18 10.35 -2.51
C LEU B 185 -16.60 10.33 -3.01
N SER B 186 -17.27 9.21 -2.83
CA SER B 186 -18.65 9.10 -3.26
C SER B 186 -19.45 8.52 -2.13
N SER B 187 -20.74 8.80 -2.15
CA SER B 187 -21.65 8.28 -1.16
C SER B 187 -22.84 7.76 -1.94
N VAL B 188 -23.30 6.55 -1.60
CA VAL B 188 -24.43 5.95 -2.30
C VAL B 188 -25.52 5.37 -1.42
N VAL B 189 -26.72 5.38 -1.96
CA VAL B 189 -27.86 4.83 -1.25
C VAL B 189 -28.71 4.05 -2.25
N THR B 190 -29.25 2.92 -1.79
CA THR B 190 -30.11 2.08 -2.60
C THR B 190 -31.54 2.33 -2.19
N VAL B 191 -32.38 2.74 -3.15
CA VAL B 191 -33.77 3.04 -2.86
C VAL B 191 -34.73 2.33 -3.80
N PRO B 192 -36.03 2.30 -3.44
CA PRO B 192 -37.04 1.65 -4.28
C PRO B 192 -37.23 2.49 -5.55
N SER B 193 -37.00 1.88 -6.72
CA SER B 193 -37.15 2.61 -7.97
C SER B 193 -38.50 3.33 -8.10
N SER B 194 -39.53 2.75 -7.50
CA SER B 194 -40.87 3.32 -7.56
C SER B 194 -40.99 4.67 -6.83
N SER B 195 -40.06 4.96 -5.94
CA SER B 195 -40.10 6.23 -5.20
C SER B 195 -39.44 7.37 -5.97
N LEU B 196 -38.75 7.04 -7.05
CA LEU B 196 -38.08 8.07 -7.85
C LEU B 196 -39.12 8.97 -8.52
N GLY B 197 -38.84 10.27 -8.56
CA GLY B 197 -39.79 11.20 -9.17
C GLY B 197 -40.76 11.79 -8.18
N THR B 198 -41.02 11.09 -7.07
CA THR B 198 -41.95 11.62 -6.08
C THR B 198 -41.24 11.87 -4.74
N GLN B 199 -40.30 10.99 -4.39
CA GLN B 199 -39.52 11.14 -3.17
C GLN B 199 -38.25 11.91 -3.54
N THR B 200 -37.92 12.93 -2.76
CA THR B 200 -36.73 13.72 -3.06
C THR B 200 -35.53 13.15 -2.35
N TYR B 201 -34.40 13.07 -3.05
CA TYR B 201 -33.18 12.55 -2.48
C TYR B 201 -32.10 13.63 -2.53
N ILE B 202 -31.61 13.99 -1.35
CA ILE B 202 -30.61 15.03 -1.21
C ILE B 202 -29.45 14.56 -0.36
N CYS B 203 -28.22 14.72 -0.84
CA CYS B 203 -27.08 14.34 -0.03
C CYS B 203 -26.58 15.61 0.64
N ASN B 204 -26.29 15.50 1.93
CA ASN B 204 -25.80 16.63 2.71
C ASN B 204 -24.31 16.41 2.91
N VAL B 205 -23.50 17.28 2.32
CA VAL B 205 -22.06 17.12 2.47
C VAL B 205 -21.55 18.19 3.43
N ASN B 206 -20.75 17.78 4.40
CA ASN B 206 -20.21 18.70 5.38
C ASN B 206 -18.69 18.68 5.32
N HIS B 207 -18.09 19.85 5.09
CA HIS B 207 -16.64 19.97 5.02
C HIS B 207 -16.20 21.05 5.99
N LYS B 208 -16.11 20.68 7.26
CA LYS B 208 -15.74 21.60 8.33
C LYS B 208 -14.43 22.38 8.13
N PRO B 209 -13.41 21.75 7.53
CA PRO B 209 -12.15 22.48 7.33
C PRO B 209 -12.31 23.81 6.58
N SER B 210 -13.32 23.90 5.72
CA SER B 210 -13.55 25.13 4.96
C SER B 210 -14.87 25.80 5.36
N ASN B 211 -15.52 25.27 6.39
CA ASN B 211 -16.81 25.82 6.86
C ASN B 211 -17.86 25.81 5.76
N THR B 212 -17.81 24.78 4.93
CA THR B 212 -18.75 24.65 3.83
C THR B 212 -19.69 23.46 3.97
N LYS B 213 -20.96 23.68 3.66
CA LYS B 213 -21.94 22.60 3.66
C LYS B 213 -22.62 22.72 2.30
N VAL B 214 -22.84 21.58 1.66
CA VAL B 214 -23.47 21.55 0.36
C VAL B 214 -24.58 20.50 0.34
N ASP B 215 -25.76 20.91 -0.12
CA ASP B 215 -26.90 20.01 -0.26
C ASP B 215 -27.17 19.87 -1.76
N LYS B 216 -27.17 18.64 -2.26
CA LYS B 216 -27.40 18.43 -3.68
C LYS B 216 -28.56 17.48 -3.91
N LYS B 217 -29.55 17.94 -4.66
CA LYS B 217 -30.71 17.12 -4.99
C LYS B 217 -30.30 16.21 -6.14
N VAL B 218 -30.51 14.91 -5.96
CA VAL B 218 -30.17 13.92 -6.97
C VAL B 218 -31.46 13.48 -7.65
N GLU B 219 -31.65 13.92 -8.88
CA GLU B 219 -32.84 13.61 -9.66
C GLU B 219 -32.65 12.53 -10.72
N PRO B 220 -33.74 11.83 -11.07
CA PRO B 220 -33.71 10.76 -12.08
C PRO B 220 -33.11 11.29 -13.39
N LYS B 221 -32.24 10.49 -13.99
CA LYS B 221 -31.61 10.86 -15.26
C LYS B 221 -32.73 11.13 -16.24
N SER B 222 -32.77 12.34 -16.79
CA SER B 222 -33.81 12.73 -17.74
C SER B 222 -33.45 12.54 -19.20
N CYS B 223 -32.15 12.46 -19.50
CA CYS B 223 -31.67 12.28 -20.87
C CYS B 223 -31.17 10.88 -21.19
N ASP B 224 -31.39 9.94 -20.27
CA ASP B 224 -30.97 8.55 -20.45
C ASP B 224 -31.86 7.63 -19.63
N TYR C 1 34.13 -14.17 3.74
CA TYR C 1 33.82 -14.13 2.28
C TYR C 1 32.68 -13.18 1.98
N ASN C 2 32.79 -12.43 0.88
CA ASN C 2 31.72 -11.51 0.51
C ASN C 2 30.88 -12.08 -0.62
N SER C 3 29.62 -12.42 -0.32
CA SER C 3 28.73 -12.97 -1.32
C SER C 3 28.34 -11.90 -2.35
N GLY C 4 28.60 -10.63 -2.01
CA GLY C 4 28.31 -9.53 -2.91
C GLY C 4 26.87 -9.04 -2.96
N LYS C 5 26.17 -9.14 -1.85
CA LYS C 5 24.79 -8.69 -1.79
C LYS C 5 24.67 -7.53 -0.82
N LEU C 6 24.13 -7.78 0.37
CA LEU C 6 23.97 -6.72 1.36
C LEU C 6 24.72 -7.03 2.64
N CGU C 7 25.53 -8.09 2.63
CA CGU C 7 26.24 -8.45 3.85
C CGU C 7 27.32 -7.49 4.30
O CGU C 7 27.77 -7.57 5.45
CB CGU C 7 26.78 -9.88 3.77
CG CGU C 7 27.91 -10.19 2.79
CD1 CGU C 7 29.03 -11.06 3.28
CD2 CGU C 7 27.81 -9.74 1.35
OE11 CGU C 7 29.77 -10.65 4.20
OE12 CGU C 7 29.16 -12.19 2.76
OE21 CGU C 7 26.72 -9.91 0.74
OE22 CGU C 7 28.83 -9.25 0.81
N CGU C 8 27.74 -6.57 3.45
CA CGU C 8 28.76 -5.63 3.88
C CGU C 8 28.18 -4.38 4.55
O CGU C 8 28.89 -3.45 4.85
CB CGU C 8 29.68 -5.24 2.72
CG CGU C 8 30.97 -6.09 2.66
CD1 CGU C 8 31.73 -6.17 1.35
CD2 CGU C 8 31.49 -6.74 3.93
OE11 CGU C 8 31.15 -6.66 0.35
OE12 CGU C 8 32.90 -5.75 1.34
OE21 CGU C 8 32.06 -6.01 4.77
OE22 CGU C 8 31.34 -7.96 4.11
N PHE C 9 26.87 -4.41 4.78
CA PHE C 9 26.19 -3.31 5.46
C PHE C 9 26.04 -3.71 6.93
N VAL C 10 26.14 -5.02 7.17
CA VAL C 10 26.04 -5.58 8.50
C VAL C 10 27.40 -5.55 9.20
N GLN C 11 27.37 -5.37 10.51
CA GLN C 11 28.58 -5.30 11.31
C GLN C 11 29.40 -6.58 11.13
N GLY C 12 30.71 -6.43 10.97
CA GLY C 12 31.57 -7.58 10.79
C GLY C 12 31.59 -8.50 11.99
N ASN C 13 31.77 -9.79 11.73
CA ASN C 13 31.84 -10.79 12.78
C ASN C 13 32.93 -11.80 12.39
N LEU C 14 33.84 -12.05 13.32
CA LEU C 14 34.97 -12.96 13.10
C LEU C 14 34.55 -14.41 12.91
N CGU C 15 33.61 -14.88 13.73
CA CGU C 15 33.15 -16.26 13.67
C CGU C 15 32.51 -16.63 12.32
O CGU C 15 32.83 -17.68 11.76
CB CGU C 15 32.14 -16.52 14.80
CG CGU C 15 31.77 -17.98 15.03
CD1 CGU C 15 32.72 -19.06 14.60
CD2 CGU C 15 30.44 -18.28 15.71
OE11 CGU C 15 33.95 -18.89 14.77
OE12 CGU C 15 32.26 -20.12 14.10
OE21 CGU C 15 30.25 -17.82 16.85
OE22 CGU C 15 29.60 -18.98 15.11
N ARG C 16 31.62 -15.79 11.80
CA ARG C 16 30.95 -16.11 10.55
C ARG C 16 31.67 -15.70 9.26
N CGU C 17 32.55 -14.71 9.34
CA CGU C 17 33.31 -14.25 8.17
C CGU C 17 34.66 -14.94 8.00
O CGU C 17 35.04 -15.32 6.88
CB CGU C 17 33.55 -12.73 8.22
CG CGU C 17 32.48 -11.82 7.62
CD1 CGU C 17 32.46 -10.37 8.04
CD2 CGU C 17 31.56 -12.34 6.53
OE11 CGU C 17 31.99 -9.54 7.25
OE12 CGU C 17 32.92 -10.08 9.16
OE21 CGU C 17 31.98 -12.33 5.35
OE22 CGU C 17 30.43 -12.77 6.85
N CYS C 18 35.40 -15.10 9.10
CA CYS C 18 36.73 -15.71 9.01
C CYS C 18 36.85 -17.15 9.51
N MET C 19 35.84 -17.66 10.21
CA MET C 19 35.91 -19.03 10.68
C MET C 19 34.91 -19.92 9.95
N CGU C 20 33.71 -19.38 9.72
CA CGU C 20 32.69 -20.12 8.99
C CGU C 20 32.97 -19.96 7.49
O CGU C 20 32.67 -20.84 6.69
CB CGU C 20 31.29 -19.56 9.29
CG CGU C 20 30.61 -20.14 10.53
CD1 CGU C 20 29.58 -19.28 11.24
CD2 CGU C 20 30.95 -21.55 10.96
OE11 CGU C 20 29.98 -18.43 12.08
OE12 CGU C 20 28.38 -19.42 10.96
OE21 CGU C 20 30.66 -22.50 10.21
OE22 CGU C 20 31.50 -21.72 12.07
N CGU C 21 33.56 -18.82 7.15
CA CGU C 21 33.91 -18.50 5.77
C CGU C 21 35.40 -18.16 5.71
O CGU C 21 36.06 -18.02 6.73
CB CGU C 21 33.14 -17.26 5.29
CG CGU C 21 31.63 -17.38 5.12
CD1 CGU C 21 31.05 -18.70 4.67
CD2 CGU C 21 30.80 -16.13 5.31
OE11 CGU C 21 31.32 -19.10 3.52
OE12 CGU C 21 30.30 -19.33 5.45
OE21 CGU C 21 31.18 -15.07 4.78
OE22 CGU C 21 29.75 -16.21 6.00
N LYS C 22 35.92 -18.02 4.49
CA LYS C 22 37.30 -17.63 4.32
C LYS C 22 37.23 -16.12 4.10
N CYS C 23 37.99 -15.37 4.91
CA CYS C 23 37.96 -13.92 4.79
C CYS C 23 39.27 -13.33 4.29
N SER C 24 39.19 -12.09 3.81
CA SER C 24 40.35 -11.38 3.32
C SER C 24 40.88 -10.53 4.48
N PHE C 25 42.10 -10.03 4.34
CA PHE C 25 42.70 -9.22 5.39
C PHE C 25 41.82 -8.01 5.72
N CGU C 26 41.30 -7.34 4.68
CA CGU C 26 40.45 -6.17 4.88
C CGU C 26 39.18 -6.57 5.62
O CGU C 26 38.67 -5.81 6.45
CB CGU C 26 40.10 -5.52 3.54
CG CGU C 26 39.40 -4.14 3.62
CD1 CGU C 26 38.71 -3.62 2.38
CD2 CGU C 26 39.49 -3.31 4.90
OE11 CGU C 26 37.92 -2.67 2.50
OE12 CGU C 26 38.99 -4.15 1.27
OE21 CGU C 26 40.60 -3.17 5.44
OE22 CGU C 26 38.45 -2.79 5.35
N CGU C 27 38.66 -7.76 5.31
CA CGU C 27 37.46 -8.26 5.96
C CGU C 27 37.72 -8.42 7.46
O CGU C 27 36.85 -8.11 8.28
CB CGU C 27 37.07 -9.61 5.36
CG CGU C 27 35.77 -9.65 4.55
CD1 CGU C 27 34.91 -8.40 4.43
CD2 CGU C 27 35.36 -10.95 3.92
OE11 CGU C 27 35.22 -7.51 3.61
OE12 CGU C 27 33.91 -8.32 5.17
OE21 CGU C 27 36.17 -11.55 3.20
OE22 CGU C 27 34.21 -11.37 4.17
N ALA C 28 38.89 -8.91 7.81
CA ALA C 28 39.26 -9.10 9.21
C ALA C 28 39.52 -7.76 9.91
N ARG C 29 40.16 -6.83 9.20
CA ARG C 29 40.45 -5.53 9.78
C ARG C 29 39.13 -4.84 10.07
N CGU C 30 38.10 -5.18 9.31
CA CGU C 30 36.78 -4.60 9.51
C CGU C 30 36.25 -5.03 10.87
O CGU C 30 35.41 -4.35 11.46
CB CGU C 30 35.82 -5.05 8.39
CG CGU C 30 35.63 -4.04 7.26
CD1 CGU C 30 35.53 -2.57 7.60
CD2 CGU C 30 35.44 -4.56 5.84
OE11 CGU C 30 35.83 -1.74 6.71
OE12 CGU C 30 35.14 -2.23 8.74
OE21 CGU C 30 34.54 -5.41 5.64
OE22 CGU C 30 36.16 -4.11 4.93
N VAL C 31 36.73 -6.17 11.37
CA VAL C 31 36.33 -6.68 12.68
C VAL C 31 37.21 -6.02 13.74
N PHE C 32 38.51 -6.31 13.71
CA PHE C 32 39.43 -5.70 14.66
C PHE C 32 39.60 -4.28 14.11
N CGU C 33 38.96 -3.29 14.72
CA CGU C 33 39.08 -1.93 14.22
C CGU C 33 40.49 -1.38 14.47
O CGU C 33 40.68 -0.19 14.66
CB CGU C 33 38.04 -1.02 14.87
CG CGU C 33 37.62 0.19 14.03
CD1 CGU C 33 36.77 1.26 14.70
CD2 CGU C 33 38.02 0.26 12.57
OE11 CGU C 33 36.22 2.12 13.98
OE12 CGU C 33 36.68 1.24 15.95
OE21 CGU C 33 39.23 0.13 12.27
OE22 CGU C 33 37.13 0.44 11.71
N ASN C 34 41.47 -2.27 14.45
CA ASN C 34 42.88 -1.93 14.65
C ASN C 34 43.66 -2.80 13.67
N THR C 35 44.54 -2.18 12.89
CA THR C 35 45.33 -2.90 11.89
C THR C 35 46.33 -3.89 12.45
N CGU C 36 47.08 -3.49 13.48
CA CGU C 36 48.09 -4.36 14.07
C CGU C 36 47.47 -5.63 14.64
O CGU C 36 48.02 -6.72 14.49
CB CGU C 36 48.86 -3.61 15.17
CG CGU C 36 50.19 -4.27 15.59
CD1 CGU C 36 50.89 -5.21 14.60
CD2 CGU C 36 50.77 -3.92 16.95
OE11 CGU C 36 51.23 -4.76 13.49
OE12 CGU C 36 51.09 -6.40 14.93
OE21 CGU C 36 50.91 -2.71 17.24
OE22 CGU C 36 51.08 -4.84 17.74
N ARG C 37 46.32 -5.49 15.29
CA ARG C 37 45.62 -6.63 15.88
C ARG C 37 45.22 -7.63 14.79
N THR C 38 44.89 -7.10 13.61
CA THR C 38 44.50 -7.93 12.47
C THR C 38 45.71 -8.72 12.00
N THR C 39 46.84 -8.05 11.85
CA THR C 39 48.06 -8.71 11.40
C THR C 39 48.37 -9.88 12.35
N CGU C 40 48.38 -9.59 13.65
CA CGU C 40 48.62 -10.62 14.64
C CGU C 40 47.71 -11.81 14.33
O CGU C 40 48.18 -12.94 14.13
CB CGU C 40 48.31 -10.10 16.05
CG CGU C 40 49.45 -9.41 16.76
CD1 CGU C 40 50.85 -9.98 16.61
CD2 CGU C 40 49.13 -8.22 17.64
OE11 CGU C 40 51.04 -11.16 16.97
OE12 CGU C 40 51.76 -9.26 16.15
OE21 CGU C 40 50.04 -7.40 17.92
OE22 CGU C 40 47.96 -8.10 18.09
N PHE C 41 46.41 -11.54 14.29
CA PHE C 41 45.41 -12.54 13.98
C PHE C 41 45.77 -13.35 12.73
N TRP C 42 46.25 -12.64 11.71
CA TRP C 42 46.59 -13.29 10.47
C TRP C 42 47.77 -14.24 10.52
N LYS C 43 48.68 -14.03 11.46
CA LYS C 43 49.83 -14.91 11.59
C LYS C 43 49.36 -16.34 11.86
N GLN C 44 48.24 -16.46 12.55
CA GLN C 44 47.66 -17.77 12.87
C GLN C 44 46.94 -18.24 11.62
N TYR C 45 45.96 -17.45 11.20
CA TYR C 45 45.12 -17.69 10.02
C TYR C 45 45.94 -18.13 8.81
S SO4 D . -15.51 -11.11 8.83
O1 SO4 D . -15.77 -9.64 8.23
O2 SO4 D . -15.13 -10.89 10.21
O3 SO4 D . -16.60 -11.84 8.70
O4 SO4 D . -14.37 -11.58 8.09
CA CA E . 36.69 -2.05 4.44
CA CA F . 34.20 -4.95 3.43
CA CA G . 32.80 -7.11 6.70
CA CA H . 32.20 -10.19 4.60
CA CA I . 30.08 -13.39 4.39
CA CA J . 30.00 -21.01 13.90
#